data_4EEC
#
_entry.id   4EEC
#
_cell.length_a   53.442
_cell.length_b   82.583
_cell.length_c   123.076
_cell.angle_alpha   90.000
_cell.angle_beta   90.000
_cell.angle_gamma   90.000
#
_symmetry.space_group_name_H-M   'P 21 21 21'
#
loop_
_entity.id
_entity.type
_entity.pdbx_description
1 polymer StaL
2 polymer desulfo-A47934
3 non-polymer "ADENOSINE-3'-5'-DIPHOSPHATE"
4 water water
#
loop_
_entity_poly.entity_id
_entity_poly.type
_entity_poly.pdbx_seq_one_letter_code
_entity_poly.pdbx_strand_id
1 'polypeptide(L)'
;MGSSHHHHHHSSGLVPRGSMCWIASYPKAGGHWLRCMLTSYVTGEPVETWPGIQAGVPHLEGLLRDGEAPSADPDEQVLL
ATHFTADRPVLRFYRESTAKVVCLIRNPRDAMLSLMRMKGIPPEDVEACRKIAETFIADEGFSSVRIWAGEGSWPENIRS
WTDSVHESFPNAAVLAVRYEDLRKDPEGELWKVVDFLELGGRDGVADAVANCTLERMREMEERSKLLGLETTGLMTRGGK
QLPFVGKGGQRKSLKFMGDDIEKAYADLLHGETDFAHYARLYGYAE
;
A,B
2 'polypeptide(L)' (GHP)(3MY)(3FG)(GHP)(0UZ)(OMY)(3FG) C
#
loop_
_chem_comp.id
_chem_comp.type
_chem_comp.name
_chem_comp.formula
A3P RNA linking ADENOSINE-3'-5'-DIPHOSPHATE 'C10 H15 N5 O10 P2'
#
# COMPACT_ATOMS: atom_id res chain seq x y z
N GLY A 18 16.09 7.30 19.72
CA GLY A 18 15.95 5.89 19.28
C GLY A 18 14.91 5.17 20.13
N SER A 19 13.65 5.13 19.67
CA SER A 19 12.57 4.48 20.40
C SER A 19 11.67 3.66 19.48
N MET A 20 12.01 3.61 18.20
CA MET A 20 11.25 2.81 17.21
C MET A 20 11.73 1.36 17.25
N CYS A 21 10.77 0.42 17.21
CA CYS A 21 11.04 -1.03 17.31
C CYS A 21 10.33 -1.87 16.22
N TRP A 22 11.04 -2.70 15.47
CA TRP A 22 10.37 -3.48 14.43
C TRP A 22 10.28 -4.94 14.74
N ILE A 23 9.10 -5.49 14.48
CA ILE A 23 8.92 -6.92 14.36
C ILE A 23 9.07 -7.20 12.89
N ALA A 24 10.27 -7.40 12.43
CA ALA A 24 10.40 -7.70 11.03
C ALA A 24 10.17 -9.21 10.80
N SER A 25 9.57 -9.58 9.66
CA SER A 25 9.40 -11.01 9.28
C SER A 25 9.03 -11.22 7.83
N TYR A 26 9.39 -12.36 7.31
CA TYR A 26 9.01 -12.72 5.97
C TYR A 26 7.57 -13.18 5.98
N PRO A 27 6.85 -13.04 4.85
CA PRO A 27 5.49 -13.53 4.90
C PRO A 27 5.39 -14.96 5.40
N LYS A 28 4.36 -15.25 6.19
CA LYS A 28 4.01 -16.60 6.67
C LYS A 28 4.99 -17.19 7.68
N ALA A 29 5.77 -16.33 8.33
CA ALA A 29 6.63 -16.75 9.46
C ALA A 29 5.90 -16.83 10.79
N GLY A 30 4.65 -16.42 10.85
CA GLY A 30 3.94 -16.45 12.14
C GLY A 30 3.77 -15.08 12.75
N GLY A 31 3.87 -14.06 11.90
CA GLY A 31 3.82 -12.66 12.30
C GLY A 31 2.55 -12.29 13.02
N HIS A 32 1.42 -12.89 12.65
CA HIS A 32 0.14 -12.40 13.24
C HIS A 32 0.13 -12.85 14.69
N TRP A 33 0.68 -14.04 14.89
CA TRP A 33 0.66 -14.67 16.17
C TRP A 33 1.58 -13.96 17.12
N LEU A 34 2.82 -13.76 16.70
CA LEU A 34 3.74 -12.98 17.51
C LEU A 34 3.07 -11.64 17.70
N ARG A 35 2.46 -11.12 16.65
CA ARG A 35 1.86 -9.80 16.74
C ARG A 35 0.75 -9.81 17.79
N CYS A 36 -0.10 -10.84 17.74
CA CYS A 36 -1.26 -10.98 18.63
C CYS A 36 -0.86 -11.17 20.08
N MET A 37 0.14 -12.02 20.35
CA MET A 37 0.62 -12.20 21.72
C MET A 37 1.25 -10.90 22.21
N LEU A 38 2.01 -10.20 21.35
CA LEU A 38 2.60 -8.94 21.77
C LEU A 38 1.58 -7.88 22.22
N THR A 39 0.41 -7.86 21.58
CA THR A 39 -0.61 -6.90 21.94
C THR A 39 -1.22 -7.30 23.28
N SER A 40 -1.65 -8.55 23.37
CA SER A 40 -2.17 -9.08 24.59
C SER A 40 -1.32 -8.74 25.78
N TYR A 41 -0.02 -8.98 25.72
CA TYR A 41 0.85 -8.60 26.83
C TYR A 41 0.83 -7.11 27.17
N VAL A 42 0.77 -6.23 26.19
CA VAL A 42 0.81 -4.80 26.48
C VAL A 42 -0.55 -4.35 26.99
N THR A 43 -1.61 -4.79 26.31
CA THR A 43 -2.93 -4.36 26.74
C THR A 43 -3.18 -4.90 28.12
N GLY A 44 -2.84 -6.17 28.31
CA GLY A 44 -3.02 -6.84 29.61
C GLY A 44 -4.22 -7.76 29.56
N GLU A 45 -5.10 -7.52 28.59
CA GLU A 45 -6.32 -8.28 28.39
C GLU A 45 -6.19 -8.92 27.02
N PRO A 46 -7.13 -9.82 26.63
CA PRO A 46 -7.01 -10.40 25.28
C PRO A 46 -7.20 -9.45 24.14
N VAL A 47 -7.30 -10.04 22.97
CA VAL A 47 -7.57 -9.30 21.76
C VAL A 47 -8.83 -9.97 21.27
N GLU A 48 -9.91 -9.18 21.24
CA GLU A 48 -11.24 -9.75 21.05
C GLU A 48 -11.59 -9.76 19.58
N THR A 49 -10.84 -9.03 18.78
CA THR A 49 -11.21 -8.76 17.40
C THR A 49 -10.00 -8.69 16.48
N TRP A 50 -10.18 -9.10 15.24
CA TRP A 50 -9.05 -9.23 14.31
C TRP A 50 -8.25 -7.96 14.00
N PRO A 51 -8.92 -6.81 13.81
CA PRO A 51 -8.04 -5.67 13.60
C PRO A 51 -7.39 -5.15 14.88
N GLY A 52 -7.63 -5.80 16.02
CA GLY A 52 -6.93 -5.48 17.29
C GLY A 52 -5.44 -5.74 17.11
N ILE A 53 -5.13 -6.83 16.43
CA ILE A 53 -3.80 -7.12 15.96
C ILE A 53 -3.14 -5.93 15.23
N GLN A 54 -3.88 -5.33 14.29
CA GLN A 54 -3.39 -4.21 13.45
C GLN A 54 -3.36 -2.96 14.31
N ALA A 55 -4.29 -2.86 15.25
CA ALA A 55 -4.28 -1.75 16.20
C ALA A 55 -3.07 -1.85 17.12
N GLY A 56 -2.74 -3.09 17.51
CA GLY A 56 -1.72 -3.35 18.50
C GLY A 56 -0.30 -3.17 18.02
N VAL A 57 0.10 -3.98 17.05
CA VAL A 57 1.40 -3.87 16.44
C VAL A 57 1.18 -3.63 14.96
N PRO A 58 0.89 -2.36 14.63
CA PRO A 58 0.50 -2.01 13.29
C PRO A 58 1.47 -2.56 12.28
N HIS A 59 0.94 -3.18 11.23
CA HIS A 59 1.78 -3.55 10.11
C HIS A 59 2.04 -2.39 9.13
N LEU A 60 3.27 -1.90 9.05
CA LEU A 60 3.61 -0.80 8.15
C LEU A 60 2.86 -0.74 6.82
N GLU A 61 2.91 -1.81 6.04
CA GLU A 61 2.28 -1.81 4.72
C GLU A 61 0.84 -1.34 4.82
N GLY A 62 0.12 -1.89 5.80
CA GLY A 62 -1.28 -1.56 5.99
C GLY A 62 -1.51 -0.11 6.34
N LEU A 63 -0.57 0.49 7.05
CA LEU A 63 -0.71 1.89 7.43
C LEU A 63 -0.56 2.76 6.21
N LEU A 64 0.38 2.42 5.33
CA LEU A 64 0.61 3.17 4.10
C LEU A 64 -0.57 3.09 3.13
N ARG A 65 -1.24 1.96 3.05
CA ARG A 65 -2.41 1.87 2.17
C ARG A 65 -3.35 3.03 2.44
N ASP A 66 -3.52 3.33 3.72
CA ASP A 66 -4.41 4.42 4.13
C ASP A 66 -3.75 5.78 4.11
N GLY A 67 -2.50 5.86 3.69
CA GLY A 67 -1.74 7.10 3.83
C GLY A 67 -1.34 7.42 5.26
N GLU A 68 -1.53 6.46 6.16
CA GLU A 68 -1.01 6.62 7.50
C GLU A 68 0.49 6.34 7.57
N ALA A 69 1.16 7.00 8.51
CA ALA A 69 2.55 6.71 8.82
C ALA A 69 2.90 7.22 10.22
N PRO A 70 3.56 6.37 11.04
CA PRO A 70 3.92 6.76 12.41
C PRO A 70 4.95 7.84 12.36
N SER A 71 5.01 8.61 13.43
CA SER A 71 5.96 9.71 13.46
C SER A 71 7.37 9.16 13.31
N ALA A 72 8.15 9.79 12.42
CA ALA A 72 9.61 9.69 12.43
C ALA A 72 10.09 10.32 13.75
N ASP A 73 10.95 9.64 14.51
CA ASP A 73 11.44 10.19 15.81
C ASP A 73 10.32 10.56 16.87
N PRO A 74 9.71 9.55 17.55
CA PRO A 74 8.84 9.84 18.73
C PRO A 74 9.60 9.76 20.08
N ASP A 75 9.02 10.26 21.17
CA ASP A 75 9.75 10.28 22.46
C ASP A 75 9.71 8.95 23.24
N GLU A 76 8.54 8.31 23.29
CA GLU A 76 8.36 7.01 23.98
C GLU A 76 8.17 5.83 22.99
N GLN A 77 8.50 4.60 23.42
CA GLN A 77 8.68 3.44 22.53
C GLN A 77 7.51 3.11 21.57
N VAL A 78 7.84 2.72 20.32
CA VAL A 78 6.83 2.36 19.29
C VAL A 78 7.12 1.02 18.64
N LEU A 79 6.09 0.22 18.44
CA LEU A 79 6.24 -1.10 17.81
C LEU A 79 5.53 -1.31 16.47
N LEU A 80 6.30 -1.53 15.39
CA LEU A 80 5.67 -1.78 14.10
C LEU A 80 6.10 -3.08 13.55
N ALA A 81 5.30 -3.56 12.61
CA ALA A 81 5.63 -4.78 11.92
C ALA A 81 5.74 -4.47 10.46
N THR A 82 6.47 -5.32 9.72
CA THR A 82 6.73 -5.14 8.27
C THR A 82 7.29 -6.41 7.67
N HIS A 83 7.07 -6.57 6.37
CA HIS A 83 7.68 -7.68 5.63
C HIS A 83 8.73 -7.16 4.71
N PHE A 84 8.95 -5.85 4.76
CA PHE A 84 9.90 -5.17 3.86
C PHE A 84 11.31 -5.58 4.15
N THR A 85 12.15 -5.68 3.14
CA THR A 85 13.57 -5.75 3.47
C THR A 85 13.89 -4.46 4.25
N ALA A 86 14.84 -4.50 5.16
CA ALA A 86 15.27 -3.28 5.95
C ALA A 86 15.77 -2.13 5.08
N ASP A 87 16.33 -2.44 3.91
CA ASP A 87 16.90 -1.45 3.03
C ASP A 87 15.93 -0.65 2.10
N ARG A 88 14.70 -1.13 1.94
CA ARG A 88 13.71 -0.45 1.14
C ARG A 88 13.64 1.02 1.51
N PRO A 89 13.83 1.95 0.54
CA PRO A 89 13.81 3.41 0.75
C PRO A 89 12.80 3.95 1.74
N VAL A 90 11.56 3.50 1.71
CA VAL A 90 10.55 4.06 2.62
C VAL A 90 10.96 4.02 4.09
N LEU A 91 11.79 3.06 4.45
CA LEU A 91 12.20 2.90 5.81
C LEU A 91 13.35 3.84 6.13
N ARG A 92 13.89 4.48 5.11
CA ARG A 92 15.00 5.38 5.29
C ARG A 92 14.59 6.42 6.32
N PHE A 93 13.27 6.66 6.41
CA PHE A 93 12.73 7.71 7.28
C PHE A 93 12.94 7.45 8.78
N TYR A 94 13.17 6.19 9.12
CA TYR A 94 13.29 5.72 10.50
C TYR A 94 14.69 5.24 10.77
N ARG A 95 15.60 5.60 9.87
CA ARG A 95 17.03 5.32 9.99
C ARG A 95 17.68 5.59 11.34
N GLU A 96 17.32 6.66 12.04
CA GLU A 96 17.96 6.94 13.33
C GLU A 96 17.04 6.61 14.51
N SER A 97 15.74 6.57 14.24
CA SER A 97 14.79 6.41 15.31
C SER A 97 14.64 4.95 15.70
N THR A 98 15.13 4.06 14.86
CA THR A 98 15.09 2.62 15.11
C THR A 98 16.13 2.17 16.14
N ALA A 99 15.63 1.68 17.28
CA ALA A 99 16.44 1.17 18.41
C ALA A 99 16.62 -0.38 18.47
N LYS A 100 15.60 -1.11 17.98
CA LYS A 100 15.43 -2.55 18.21
C LYS A 100 14.75 -3.28 17.05
N VAL A 101 15.28 -4.45 16.72
CA VAL A 101 14.67 -5.30 15.72
C VAL A 101 14.43 -6.71 16.27
N VAL A 102 13.19 -7.18 16.17
CA VAL A 102 12.93 -8.57 16.42
C VAL A 102 12.70 -9.20 15.05
N CYS A 103 13.60 -10.11 14.64
CA CYS A 103 13.46 -10.74 13.35
C CYS A 103 12.85 -12.13 13.51
N LEU A 104 11.60 -12.32 13.09
CA LEU A 104 10.93 -13.61 13.26
C LEU A 104 11.19 -14.50 12.02
N ILE A 105 11.69 -15.73 12.23
CA ILE A 105 12.09 -16.58 11.11
C ILE A 105 11.44 -17.95 11.22
N ARG A 106 11.10 -18.51 10.06
CA ARG A 106 10.44 -19.78 9.97
C ARG A 106 11.06 -20.59 8.85
N ASN A 107 11.06 -21.92 9.02
CA ASN A 107 11.41 -22.86 7.95
C ASN A 107 10.79 -22.45 6.62
N PRO A 108 11.63 -22.39 5.57
CA PRO A 108 11.09 -21.96 4.29
C PRO A 108 10.22 -23.03 3.64
N ARG A 109 10.37 -24.27 4.09
CA ARG A 109 9.61 -25.37 3.52
C ARG A 109 8.19 -25.17 3.99
N ASP A 110 8.05 -24.64 5.20
CA ASP A 110 6.76 -24.51 5.84
C ASP A 110 6.04 -23.22 5.49
N ALA A 111 6.81 -22.19 5.20
CA ALA A 111 6.26 -20.95 4.69
C ALA A 111 5.60 -21.21 3.34
N MET A 112 6.29 -21.97 2.52
CA MET A 112 5.80 -22.33 1.21
C MET A 112 4.48 -23.12 1.35
N LEU A 113 4.49 -24.18 2.16
CA LEU A 113 3.27 -24.91 2.51
C LEU A 113 2.13 -24.03 3.06
N SER A 114 2.51 -22.99 3.81
CA SER A 114 1.57 -22.08 4.45
C SER A 114 0.76 -21.27 3.44
N LEU A 115 1.44 -20.87 2.36
CA LEU A 115 0.81 -20.13 1.28
C LEU A 115 -0.25 -20.96 0.52
N MET A 116 0.03 -22.24 0.30
CA MET A 116 -0.93 -23.21 -0.28
C MET A 116 -2.19 -23.33 0.56
N ARG A 117 -2.05 -23.37 1.87
CA ARG A 117 -3.18 -23.44 2.80
C ARG A 117 -3.94 -22.13 2.82
N MET A 118 -3.21 -21.03 2.82
CA MET A 118 -3.82 -19.70 2.73
C MET A 118 -4.51 -19.45 1.38
N LYS A 119 -3.94 -19.96 0.28
CA LYS A 119 -4.58 -19.88 -1.03
C LYS A 119 -5.81 -20.79 -1.19
N GLY A 120 -6.13 -21.60 -0.16
CA GLY A 120 -7.23 -22.55 -0.27
C GLY A 120 -6.64 -23.91 -0.58
N ILE A 121 -6.57 -24.26 -1.86
CA ILE A 121 -5.84 -25.44 -2.40
C ILE A 121 -5.59 -26.65 -1.45
N PRO A 122 -6.37 -27.75 -1.64
CA PRO A 122 -6.19 -28.99 -0.87
C PRO A 122 -4.88 -29.73 -1.22
N PRO A 123 -4.30 -30.51 -0.26
CA PRO A 123 -3.04 -31.24 -0.52
C PRO A 123 -3.05 -32.31 -1.65
N GLU A 124 -4.14 -32.44 -2.41
CA GLU A 124 -4.16 -33.38 -3.56
C GLU A 124 -3.71 -32.72 -4.87
N ASP A 125 -4.19 -31.49 -5.11
CA ASP A 125 -3.96 -30.85 -6.41
C ASP A 125 -2.48 -30.55 -6.62
N VAL A 126 -1.77 -31.56 -7.13
CA VAL A 126 -0.33 -31.50 -7.35
C VAL A 126 0.00 -30.38 -8.34
N GLU A 127 -0.65 -30.40 -9.51
CA GLU A 127 -0.53 -29.32 -10.50
C GLU A 127 -0.54 -27.96 -9.78
N ALA A 128 -1.63 -27.69 -9.06
CA ALA A 128 -1.80 -26.44 -8.33
C ALA A 128 -0.69 -26.16 -7.29
N CYS A 129 -0.30 -27.19 -6.54
CA CYS A 129 0.72 -27.08 -5.52
C CYS A 129 2.14 -27.04 -6.09
N ARG A 130 2.40 -27.85 -7.11
CA ARG A 130 3.72 -27.89 -7.76
C ARG A 130 4.05 -26.51 -8.32
N LYS A 131 3.08 -25.89 -8.99
CA LYS A 131 3.29 -24.57 -9.60
C LYS A 131 3.82 -23.58 -8.56
N ILE A 132 3.20 -23.56 -7.37
CA ILE A 132 3.61 -22.65 -6.31
C ILE A 132 4.98 -23.06 -5.82
N ALA A 133 5.14 -24.36 -5.63
CA ALA A 133 6.35 -24.92 -5.11
C ALA A 133 7.52 -24.60 -6.04
N GLU A 134 7.33 -24.88 -7.33
CA GLU A 134 8.39 -24.68 -8.32
C GLU A 134 8.73 -23.19 -8.48
N THR A 135 7.69 -22.35 -8.48
CA THR A 135 7.88 -20.91 -8.52
C THR A 135 8.63 -20.45 -7.27
N PHE A 136 8.28 -21.07 -6.14
CA PHE A 136 8.93 -20.74 -4.89
C PHE A 136 10.41 -21.06 -4.97
N ILE A 137 10.77 -22.17 -5.60
CA ILE A 137 12.15 -22.58 -5.63
C ILE A 137 12.97 -21.69 -6.58
N ALA A 138 12.41 -21.39 -7.75
CA ALA A 138 13.11 -20.53 -8.69
C ALA A 138 13.38 -19.17 -8.05
N ASP A 139 12.39 -18.64 -7.33
CA ASP A 139 12.51 -17.26 -6.79
C ASP A 139 13.18 -17.15 -5.40
N GLU A 140 13.47 -18.29 -4.75
CA GLU A 140 14.06 -18.30 -3.42
C GLU A 140 13.15 -17.49 -2.48
N GLY A 141 11.85 -17.72 -2.59
CA GLY A 141 10.86 -17.03 -1.75
C GLY A 141 9.59 -16.63 -2.49
N PHE A 142 8.86 -15.63 -1.99
CA PHE A 142 7.57 -15.29 -2.56
C PHE A 142 7.56 -14.14 -3.56
N SER A 143 8.70 -13.77 -4.12
CA SER A 143 8.78 -12.55 -4.96
C SER A 143 7.77 -12.47 -6.11
N SER A 144 7.36 -13.61 -6.64
CA SER A 144 6.39 -13.60 -7.74
C SER A 144 4.95 -13.57 -7.24
N VAL A 145 4.75 -13.85 -5.96
CA VAL A 145 3.40 -13.82 -5.42
C VAL A 145 3.03 -12.35 -5.21
N ARG A 146 1.94 -11.92 -5.84
CA ARG A 146 1.57 -10.50 -5.87
C ARG A 146 0.87 -10.01 -4.60
N ILE A 147 0.64 -10.91 -3.64
CA ILE A 147 0.04 -10.59 -2.33
C ILE A 147 0.92 -9.59 -1.54
N TRP A 148 2.24 -9.76 -1.60
CA TRP A 148 3.10 -8.80 -0.93
C TRP A 148 4.06 -8.21 -1.94
N ALA A 149 4.52 -6.99 -1.65
CA ALA A 149 5.65 -6.39 -2.36
C ALA A 149 6.77 -5.85 -1.42
N GLY A 150 8.00 -5.76 -1.96
CA GLY A 150 9.17 -5.16 -1.24
C GLY A 150 9.84 -6.02 -0.17
N GLU A 151 9.55 -7.31 -0.20
CA GLU A 151 9.98 -8.30 0.78
C GLU A 151 11.34 -8.94 0.39
N GLY A 152 11.61 -8.97 -0.93
CA GLY A 152 12.77 -9.66 -1.47
C GLY A 152 12.65 -11.16 -1.34
N SER A 153 13.69 -11.88 -1.68
CA SER A 153 13.72 -13.31 -1.37
C SER A 153 13.95 -13.56 0.14
N TRP A 154 13.55 -14.75 0.56
CA TRP A 154 13.77 -15.17 1.94
C TRP A 154 15.15 -14.71 2.50
N PRO A 155 16.29 -15.19 1.94
CA PRO A 155 17.61 -14.79 2.47
C PRO A 155 17.87 -13.32 2.40
N GLU A 156 17.41 -12.68 1.32
CA GLU A 156 17.54 -11.25 1.17
C GLU A 156 16.96 -10.55 2.37
N ASN A 157 15.78 -10.99 2.79
CA ASN A 157 15.09 -10.38 3.90
C ASN A 157 15.92 -10.54 5.14
N ILE A 158 16.32 -11.79 5.34
CA ILE A 158 17.04 -12.17 6.56
C ILE A 158 18.36 -11.42 6.74
N ARG A 159 19.03 -11.24 5.62
CA ARG A 159 20.31 -10.61 5.62
C ARG A 159 20.12 -9.16 6.09
N SER A 160 19.09 -8.49 5.57
CA SER A 160 18.90 -7.07 5.76
C SER A 160 18.54 -6.76 7.18
N TRP A 161 17.85 -7.69 7.84
CA TRP A 161 17.51 -7.47 9.25
C TRP A 161 18.55 -7.99 10.21
N THR A 162 19.41 -8.90 9.78
CA THR A 162 20.32 -9.46 10.75
C THR A 162 21.73 -9.05 10.43
N ASP A 163 22.36 -9.76 9.50
CA ASP A 163 23.75 -9.52 9.15
C ASP A 163 24.02 -8.05 8.71
N SER A 164 23.09 -7.44 7.97
CA SER A 164 23.21 -6.08 7.40
C SER A 164 22.47 -4.94 8.12
N VAL A 165 21.54 -5.28 8.99
CA VAL A 165 20.80 -4.26 9.73
C VAL A 165 21.52 -2.89 9.93
N HIS A 166 22.83 -2.85 10.16
CA HIS A 166 23.50 -1.54 10.29
C HIS A 166 23.65 -0.68 9.01
N GLU A 167 23.58 -1.31 7.83
CA GLU A 167 23.41 -0.58 6.57
C GLU A 167 22.09 0.20 6.51
N SER A 168 21.10 -0.17 7.32
CA SER A 168 19.81 0.51 7.26
C SER A 168 19.46 1.24 8.54
N PHE A 169 19.94 0.72 9.66
CA PHE A 169 19.68 1.29 10.96
C PHE A 169 20.95 1.18 11.76
N PRO A 170 21.84 2.18 11.63
CA PRO A 170 23.13 2.07 12.29
C PRO A 170 23.05 1.95 13.82
N ASN A 171 21.89 2.25 14.41
CA ASN A 171 21.80 2.28 15.87
C ASN A 171 21.09 1.12 16.48
N ALA A 172 20.75 0.13 15.69
CA ALA A 172 19.79 -0.87 16.11
C ALA A 172 20.49 -2.05 16.74
N ALA A 173 19.75 -2.75 17.61
CA ALA A 173 20.18 -4.02 18.14
C ALA A 173 19.17 -5.12 17.73
N VAL A 174 19.64 -6.33 17.43
CA VAL A 174 18.77 -7.37 16.92
C VAL A 174 18.58 -8.56 17.86
N LEU A 175 17.33 -8.97 18.02
CA LEU A 175 17.00 -10.28 18.54
C LEU A 175 16.48 -11.07 17.39
N ALA A 176 16.81 -12.34 17.32
CA ALA A 176 16.20 -13.23 16.34
C ALA A 176 15.39 -14.26 17.07
N VAL A 177 14.31 -14.75 16.47
CA VAL A 177 13.45 -15.70 17.12
C VAL A 177 12.84 -16.56 16.04
N ARG A 178 12.78 -17.85 16.31
CA ARG A 178 12.34 -18.80 15.33
C ARG A 178 10.90 -19.21 15.61
N TYR A 179 10.09 -19.28 14.55
CA TYR A 179 8.72 -19.73 14.64
C TYR A 179 8.69 -20.99 15.44
N GLU A 180 9.55 -21.94 15.08
CA GLU A 180 9.54 -23.26 15.69
C GLU A 180 9.91 -23.26 17.19
N ASP A 181 10.94 -22.53 17.58
CA ASP A 181 11.19 -22.28 19.00
C ASP A 181 9.90 -21.86 19.70
N LEU A 182 9.17 -20.90 19.13
CA LEU A 182 7.91 -20.40 19.71
C LEU A 182 6.81 -21.44 19.88
N ARG A 183 6.58 -22.29 18.88
CA ARG A 183 5.63 -23.39 19.06
C ARG A 183 6.04 -24.34 20.19
N LYS A 184 7.32 -24.71 20.22
CA LYS A 184 7.84 -25.60 21.25
C LYS A 184 7.75 -24.97 22.66
N ASP A 185 8.27 -23.75 22.82
CA ASP A 185 8.18 -23.08 24.12
C ASP A 185 7.58 -21.67 24.06
N PRO A 186 6.24 -21.57 23.84
CA PRO A 186 5.60 -20.29 23.68
C PRO A 186 5.95 -19.26 24.76
N GLU A 187 5.86 -19.64 26.03
CA GLU A 187 6.00 -18.67 27.09
C GLU A 187 7.48 -18.28 27.29
N GLY A 188 8.38 -19.25 27.14
CA GLY A 188 9.82 -18.97 27.24
C GLY A 188 10.30 -18.06 26.14
N GLU A 189 9.80 -18.30 24.93
CA GLU A 189 10.18 -17.54 23.74
C GLU A 189 9.58 -16.13 23.63
N LEU A 190 8.29 -15.99 23.94
CA LEU A 190 7.68 -14.66 24.04
C LEU A 190 8.41 -13.84 25.08
N TRP A 191 8.89 -14.53 26.10
CA TRP A 191 9.63 -13.86 27.13
C TRP A 191 10.93 -13.25 26.58
N LYS A 192 11.65 -13.95 25.71
CA LYS A 192 12.91 -13.40 25.18
C LYS A 192 12.56 -12.12 24.44
N VAL A 193 11.51 -12.17 23.65
CA VAL A 193 11.13 -11.03 22.87
C VAL A 193 10.70 -9.89 23.80
N VAL A 194 9.87 -10.19 24.78
CA VAL A 194 9.47 -9.15 25.71
C VAL A 194 10.61 -8.54 26.58
N ASP A 195 11.57 -9.37 27.01
CA ASP A 195 12.70 -8.91 27.78
C ASP A 195 13.57 -8.07 26.87
N PHE A 196 13.69 -8.46 25.60
CA PHE A 196 14.54 -7.75 24.64
C PHE A 196 14.06 -6.32 24.42
N LEU A 197 12.75 -6.19 24.28
CA LEU A 197 12.07 -4.95 23.97
C LEU A 197 11.74 -4.17 25.22
N GLU A 198 12.14 -4.72 26.37
CA GLU A 198 11.87 -4.15 27.71
C GLU A 198 10.42 -3.76 27.96
N LEU A 199 9.47 -4.55 27.49
CA LEU A 199 8.07 -4.23 27.72
C LEU A 199 7.63 -4.51 29.14
N GLY A 200 8.51 -5.09 29.95
CA GLY A 200 8.30 -5.10 31.39
C GLY A 200 8.38 -6.44 32.10
N GLY A 201 7.23 -6.89 32.62
CA GLY A 201 7.10 -7.99 33.59
C GLY A 201 7.52 -9.37 33.15
N ARG A 202 6.65 -10.35 33.32
CA ARG A 202 6.86 -11.75 32.88
C ARG A 202 5.71 -12.63 33.33
N ASP A 203 5.13 -12.31 34.48
CA ASP A 203 3.88 -12.95 34.89
C ASP A 203 2.83 -12.67 33.83
N GLY A 204 2.95 -11.53 33.16
CA GLY A 204 2.10 -11.21 32.00
C GLY A 204 2.23 -12.24 30.87
N VAL A 205 3.44 -12.80 30.72
CA VAL A 205 3.76 -13.64 29.58
C VAL A 205 2.84 -14.84 29.47
N ALA A 206 2.72 -15.64 30.51
CA ALA A 206 1.89 -16.85 30.39
C ALA A 206 0.49 -16.54 29.84
N ASP A 207 -0.11 -15.46 30.37
CA ASP A 207 -1.43 -15.00 29.96
C ASP A 207 -1.55 -14.67 28.47
N ALA A 208 -0.64 -13.83 27.96
CA ALA A 208 -0.60 -13.46 26.55
C ALA A 208 -0.62 -14.69 25.62
N VAL A 209 0.13 -15.73 25.96
CA VAL A 209 0.16 -16.97 25.22
C VAL A 209 -1.18 -17.68 25.22
N ALA A 210 -1.81 -17.78 26.40
CA ALA A 210 -3.10 -18.44 26.53
C ALA A 210 -4.18 -17.75 25.69
N ASN A 211 -4.04 -16.43 25.53
CA ASN A 211 -5.01 -15.63 24.81
C ASN A 211 -4.89 -15.79 23.31
N CYS A 212 -3.66 -15.95 22.83
CA CYS A 212 -3.42 -16.01 21.40
C CYS A 212 -3.11 -17.41 20.93
N THR A 213 -3.66 -18.38 21.64
CA THR A 213 -3.64 -19.75 21.15
C THR A 213 -4.23 -19.95 19.73
N LEU A 214 -3.69 -20.94 19.06
CA LEU A 214 -4.32 -21.58 17.89
C LEU A 214 -5.89 -21.59 17.88
N GLU A 215 -6.50 -22.19 18.90
CA GLU A 215 -7.95 -22.22 19.09
C GLU A 215 -8.50 -20.80 19.23
N ARG A 216 -7.97 -20.05 20.18
CA ARG A 216 -8.46 -18.71 20.43
C ARG A 216 -8.47 -17.92 19.13
N MET A 217 -7.42 -18.10 18.35
CA MET A 217 -7.21 -17.38 17.13
C MET A 217 -8.25 -17.67 16.05
N ARG A 218 -8.71 -18.92 15.94
CA ARG A 218 -9.66 -19.35 14.87
C ARG A 218 -11.02 -18.77 15.11
N GLU A 219 -11.40 -18.82 16.37
CA GLU A 219 -12.65 -18.33 16.85
C GLU A 219 -12.63 -16.81 16.73
N MET A 220 -11.52 -16.20 17.14
CA MET A 220 -11.33 -14.75 17.07
C MET A 220 -11.37 -14.28 15.62
N GLU A 221 -10.95 -15.13 14.69
CA GLU A 221 -11.05 -14.84 13.28
C GLU A 221 -12.50 -14.90 12.83
N GLU A 222 -13.21 -15.97 13.21
CA GLU A 222 -14.61 -16.21 12.82
C GLU A 222 -15.56 -15.13 13.37
N ARG A 223 -15.50 -14.88 14.67
CA ARG A 223 -16.30 -13.82 15.29
C ARG A 223 -16.19 -12.49 14.56
N SER A 224 -14.97 -12.11 14.19
CA SER A 224 -14.72 -10.89 13.43
C SER A 224 -15.47 -11.08 12.14
N LYS A 225 -15.09 -12.12 11.40
CA LYS A 225 -15.68 -12.47 10.11
C LYS A 225 -17.23 -12.51 10.12
N LEU A 226 -17.82 -12.97 11.24
CA LEU A 226 -19.29 -13.01 11.40
C LEU A 226 -19.90 -11.61 11.59
N LEU A 227 -19.21 -10.77 12.36
CA LEU A 227 -19.53 -9.35 12.44
C LEU A 227 -18.95 -8.64 11.21
N GLY A 228 -19.25 -9.14 9.99
CA GLY A 228 -18.70 -8.62 8.73
C GLY A 228 -17.55 -7.64 8.94
N LEU A 229 -16.40 -8.14 9.39
CA LEU A 229 -15.28 -7.26 9.72
C LEU A 229 -14.05 -7.41 8.81
N GLU A 230 -13.27 -6.33 8.74
CA GLU A 230 -12.03 -6.32 7.98
C GLU A 230 -11.09 -7.39 8.55
N THR A 231 -11.05 -8.54 7.87
CA THR A 231 -10.15 -9.67 8.22
C THR A 231 -9.22 -10.08 7.05
N THR A 232 -8.12 -10.78 7.37
CA THR A 232 -7.15 -11.18 6.32
C THR A 232 -7.22 -12.67 5.91
N LEU A 242 -12.75 -16.49 3.29
CA LEU A 242 -11.67 -17.44 2.98
C LEU A 242 -10.67 -17.71 4.17
N PRO A 243 -10.73 -18.93 4.80
CA PRO A 243 -9.93 -19.28 6.00
C PRO A 243 -8.42 -18.93 5.98
N PHE A 244 -7.96 -18.35 7.09
CA PHE A 244 -6.57 -17.85 7.25
C PHE A 244 -5.70 -18.64 8.24
N VAL A 245 -6.33 -19.24 9.25
CA VAL A 245 -5.64 -20.02 10.27
C VAL A 245 -5.87 -21.53 10.07
N LYS A 252 3.21 -30.76 8.37
CA LYS A 252 3.40 -31.45 7.09
C LYS A 252 4.85 -31.27 6.56
N SER A 253 5.24 -32.10 5.58
CA SER A 253 6.54 -31.97 4.90
C SER A 253 6.48 -32.42 3.42
N LEU A 254 7.62 -32.80 2.83
CA LEU A 254 7.85 -32.65 1.37
C LEU A 254 7.38 -33.76 0.39
N LYS A 255 7.33 -35.01 0.90
CA LYS A 255 7.08 -36.22 0.08
C LYS A 255 5.94 -36.16 -1.00
N PHE A 256 4.77 -35.64 -0.60
CA PHE A 256 3.48 -35.79 -1.33
C PHE A 256 3.37 -35.39 -2.82
N MET A 257 3.94 -34.26 -3.22
CA MET A 257 3.75 -33.82 -4.61
C MET A 257 4.89 -34.23 -5.56
N GLY A 258 5.97 -34.74 -4.98
CA GLY A 258 7.29 -34.58 -5.56
C GLY A 258 8.11 -35.71 -6.12
N ASP A 259 9.29 -35.87 -5.53
CA ASP A 259 10.45 -36.48 -6.16
C ASP A 259 11.11 -35.39 -6.99
N ASP A 260 10.51 -35.02 -8.13
CA ASP A 260 11.03 -33.92 -8.97
C ASP A 260 11.24 -32.65 -8.14
N ILE A 261 10.30 -32.41 -7.25
CA ILE A 261 10.28 -31.20 -6.45
C ILE A 261 11.06 -31.38 -5.16
N GLU A 262 11.01 -32.59 -4.61
CA GLU A 262 11.81 -32.97 -3.44
C GLU A 262 13.28 -32.70 -3.71
N LYS A 263 13.79 -33.24 -4.82
CA LYS A 263 15.20 -33.07 -5.22
C LYS A 263 15.46 -31.59 -5.45
N ALA A 264 14.47 -30.91 -6.04
CA ALA A 264 14.62 -29.51 -6.41
C ALA A 264 14.84 -28.63 -5.19
N TYR A 265 14.02 -28.86 -4.15
CA TYR A 265 14.19 -28.17 -2.86
C TYR A 265 15.51 -28.54 -2.20
N ALA A 266 15.72 -29.83 -1.98
CA ALA A 266 16.98 -30.34 -1.48
C ALA A 266 18.22 -29.68 -2.09
N ASP A 267 18.23 -29.58 -3.42
CA ASP A 267 19.36 -28.98 -4.12
C ASP A 267 19.57 -27.53 -3.78
N LEU A 268 18.46 -26.82 -3.61
CA LEU A 268 18.49 -25.43 -3.18
C LEU A 268 18.96 -25.36 -1.75
N LEU A 269 18.44 -26.28 -0.95
CA LEU A 269 18.68 -26.28 0.47
C LEU A 269 20.16 -26.49 0.75
N HIS A 270 20.75 -27.50 0.11
CA HIS A 270 22.17 -27.88 0.36
C HIS A 270 23.17 -27.33 -0.69
N GLY A 271 22.68 -26.49 -1.60
CA GLY A 271 23.49 -25.78 -2.59
C GLY A 271 24.33 -24.65 -2.03
N GLU A 272 24.81 -23.79 -2.92
CA GLU A 272 25.76 -22.74 -2.49
C GLU A 272 25.23 -21.28 -2.52
N THR A 273 23.91 -21.12 -2.71
CA THR A 273 23.21 -19.82 -2.58
C THR A 273 23.02 -19.36 -1.12
N ASP A 274 22.82 -18.07 -0.95
CA ASP A 274 22.74 -17.44 0.35
C ASP A 274 21.57 -17.99 1.15
N PHE A 275 20.59 -18.54 0.42
CA PHE A 275 19.44 -19.24 0.97
C PHE A 275 19.93 -20.38 1.79
N ALA A 276 20.74 -21.21 1.14
CA ALA A 276 21.38 -22.34 1.78
C ALA A 276 22.14 -21.88 2.99
N HIS A 277 22.80 -20.75 2.87
CA HIS A 277 23.67 -20.30 3.91
C HIS A 277 22.88 -20.01 5.15
N TYR A 278 21.75 -19.32 4.97
CA TYR A 278 20.80 -19.05 6.08
C TYR A 278 20.01 -20.26 6.57
N ALA A 279 19.61 -21.14 5.65
CA ALA A 279 18.84 -22.37 6.00
C ALA A 279 19.67 -23.27 6.91
N ARG A 280 20.97 -23.29 6.66
CA ARG A 280 21.94 -24.03 7.42
C ARG A 280 22.04 -23.43 8.80
N LEU A 281 22.06 -22.10 8.85
CA LEU A 281 22.35 -21.38 10.06
C LEU A 281 21.19 -21.41 11.07
N TYR A 282 19.97 -21.34 10.59
CA TYR A 282 18.86 -21.39 11.51
C TYR A 282 18.44 -22.82 11.70
N GLY A 283 19.23 -23.74 11.16
CA GLY A 283 19.03 -25.15 11.48
C GLY A 283 18.01 -25.92 10.67
N TYR A 284 17.66 -25.41 9.50
CA TYR A 284 16.69 -26.05 8.63
C TYR A 284 17.29 -27.04 7.57
N ALA A 285 18.56 -27.38 7.71
CA ALA A 285 19.17 -28.39 6.83
C ALA A 285 18.91 -29.83 7.32
N GLY B 18 10.59 24.24 -0.44
CA GLY B 18 11.66 23.40 -1.09
C GLY B 18 11.46 23.05 -2.58
N SER B 19 11.82 21.82 -2.97
CA SER B 19 11.88 21.38 -4.38
C SER B 19 10.94 20.22 -4.79
N MET B 20 9.91 19.96 -3.99
CA MET B 20 8.95 18.87 -4.25
C MET B 20 7.65 19.34 -4.90
N CYS B 21 7.18 18.62 -5.93
CA CYS B 21 5.96 19.01 -6.65
C CYS B 21 4.92 17.90 -6.84
N TRP B 22 3.66 18.23 -6.57
CA TRP B 22 2.55 17.29 -6.55
C TRP B 22 1.50 17.52 -7.63
N ILE B 23 1.12 16.46 -8.33
CA ILE B 23 -0.04 16.47 -9.18
C ILE B 23 -1.08 15.75 -8.36
N ALA B 24 -1.88 16.52 -7.66
CA ALA B 24 -2.88 15.98 -6.74
C ALA B 24 -4.23 15.92 -7.43
N SER B 25 -5.04 14.90 -7.18
CA SER B 25 -6.34 14.83 -7.83
C SER B 25 -7.16 13.73 -7.25
N TYR B 26 -8.46 13.92 -7.18
CA TYR B 26 -9.36 12.84 -6.78
C TYR B 26 -9.25 11.77 -7.85
N PRO B 27 -9.59 10.53 -7.50
CA PRO B 27 -9.45 9.47 -8.52
C PRO B 27 -10.39 9.76 -9.64
N LYS B 28 -10.02 9.41 -10.86
CA LYS B 28 -10.88 9.56 -12.06
C LYS B 28 -11.04 10.96 -12.59
N ALA B 29 -10.15 11.86 -12.19
CA ALA B 29 -10.13 13.21 -12.70
C ALA B 29 -9.16 13.43 -13.89
N GLY B 30 -8.72 12.36 -14.54
CA GLY B 30 -7.83 12.52 -15.69
C GLY B 30 -6.41 12.83 -15.28
N GLY B 31 -6.05 12.40 -14.08
CA GLY B 31 -4.65 12.38 -13.66
C GLY B 31 -3.71 11.58 -14.54
N HIS B 32 -4.12 10.42 -15.02
CA HIS B 32 -3.24 9.66 -15.89
C HIS B 32 -2.77 10.51 -17.04
N TRP B 33 -3.72 11.08 -17.78
CA TRP B 33 -3.42 11.90 -18.93
C TRP B 33 -2.55 13.10 -18.59
N LEU B 34 -2.87 13.80 -17.51
CA LEU B 34 -2.00 14.90 -17.14
C LEU B 34 -0.55 14.40 -17.04
N ARG B 35 -0.37 13.27 -16.35
CA ARG B 35 0.94 12.70 -16.08
C ARG B 35 1.64 12.30 -17.39
N CYS B 36 0.88 11.63 -18.24
CA CYS B 36 1.36 11.20 -19.52
C CYS B 36 1.99 12.38 -20.25
N MET B 37 1.18 13.40 -20.48
CA MET B 37 1.60 14.62 -21.15
C MET B 37 2.85 15.23 -20.49
N LEU B 38 2.80 15.40 -19.17
CA LEU B 38 3.97 15.90 -18.46
C LEU B 38 5.22 15.03 -18.64
N THR B 39 5.05 13.72 -18.62
CA THR B 39 6.17 12.86 -18.84
C THR B 39 6.72 13.09 -20.24
N SER B 40 5.82 13.21 -21.21
CA SER B 40 6.25 13.45 -22.56
C SER B 40 7.02 14.78 -22.75
N TYR B 41 6.66 15.85 -22.03
CA TYR B 41 7.34 17.14 -22.19
C TYR B 41 8.71 17.13 -21.58
N VAL B 42 8.83 16.55 -20.39
CA VAL B 42 10.09 16.52 -19.68
C VAL B 42 11.10 15.70 -20.50
N THR B 43 10.62 14.59 -21.09
CA THR B 43 11.44 13.68 -21.90
C THR B 43 11.67 14.14 -23.35
N GLY B 44 10.72 14.89 -23.90
CA GLY B 44 10.79 15.32 -25.30
C GLY B 44 10.26 14.24 -26.21
N GLU B 45 10.68 13.00 -25.93
CA GLU B 45 10.26 11.83 -26.68
C GLU B 45 8.86 11.46 -26.27
N PRO B 46 8.15 10.69 -27.13
CA PRO B 46 6.85 10.10 -26.78
C PRO B 46 6.93 9.18 -25.55
N VAL B 47 5.79 8.75 -25.02
CA VAL B 47 5.83 7.84 -23.86
C VAL B 47 5.78 6.40 -24.35
N GLU B 48 6.90 5.69 -24.14
CA GLU B 48 7.14 4.36 -24.72
C GLU B 48 6.14 3.31 -24.28
N THR B 49 5.29 3.68 -23.32
CA THR B 49 4.06 2.94 -22.94
C THR B 49 3.80 2.96 -21.43
N TRP B 50 2.73 2.28 -21.01
CA TRP B 50 2.09 2.48 -19.71
C TRP B 50 2.98 2.75 -18.46
N PRO B 51 3.73 1.75 -17.96
CA PRO B 51 4.77 2.04 -16.97
C PRO B 51 5.59 3.32 -17.16
N GLY B 52 5.72 3.80 -18.39
CA GLY B 52 6.44 5.04 -18.67
C GLY B 52 5.87 6.15 -17.81
N ILE B 53 4.55 6.16 -17.70
CA ILE B 53 3.84 7.16 -16.91
C ILE B 53 4.26 7.12 -15.44
N GLN B 54 4.24 5.93 -14.85
CA GLN B 54 4.72 5.75 -13.46
C GLN B 54 6.22 6.09 -13.27
N ALA B 55 7.05 5.83 -14.27
CA ALA B 55 8.45 6.18 -14.15
C ALA B 55 8.59 7.71 -14.09
N GLY B 56 7.89 8.41 -14.99
CA GLY B 56 7.92 9.88 -15.13
C GLY B 56 7.30 10.65 -13.99
N VAL B 57 5.99 10.59 -13.86
CA VAL B 57 5.32 11.21 -12.71
C VAL B 57 4.76 10.13 -11.79
N PRO B 58 5.61 9.60 -10.92
CA PRO B 58 5.21 8.40 -10.24
C PRO B 58 4.06 8.70 -9.33
N HIS B 59 3.18 7.73 -9.21
CA HIS B 59 2.05 7.81 -8.32
C HIS B 59 2.49 7.31 -6.96
N LEU B 60 2.26 8.09 -5.91
CA LEU B 60 2.89 7.80 -4.61
C LEU B 60 2.46 6.48 -3.97
N GLU B 61 1.15 6.25 -3.92
CA GLU B 61 0.58 4.94 -3.62
C GLU B 61 1.35 3.82 -4.36
N GLY B 62 1.44 3.87 -5.67
CA GLY B 62 2.27 2.90 -6.40
C GLY B 62 3.63 2.65 -5.76
N LEU B 63 4.34 3.72 -5.40
CA LEU B 63 5.68 3.55 -4.78
C LEU B 63 5.63 2.91 -3.39
N LEU B 64 4.77 3.43 -2.51
CA LEU B 64 4.69 2.89 -1.16
C LEU B 64 4.33 1.40 -1.16
N ARG B 65 3.53 0.96 -2.14
CA ARG B 65 3.24 -0.46 -2.22
C ARG B 65 4.52 -1.27 -2.31
N ASP B 66 5.48 -0.79 -3.10
CA ASP B 66 6.80 -1.46 -3.24
C ASP B 66 7.79 -1.13 -2.13
N GLY B 67 7.45 -0.20 -1.23
CA GLY B 67 8.36 0.20 -0.17
C GLY B 67 9.21 1.35 -0.62
N GLU B 68 8.93 1.81 -1.84
CA GLU B 68 9.60 2.96 -2.45
C GLU B 68 9.02 4.26 -1.94
N ALA B 69 9.88 5.25 -1.71
CA ALA B 69 9.45 6.59 -1.26
C ALA B 69 10.59 7.57 -1.44
N PRO B 70 10.41 8.56 -2.34
CA PRO B 70 11.44 9.57 -2.59
C PRO B 70 11.88 10.26 -1.29
N SER B 71 13.12 10.73 -1.22
CA SER B 71 13.60 11.33 0.03
C SER B 71 13.00 12.71 0.24
N ALA B 72 12.69 13.05 1.48
CA ALA B 72 12.35 14.44 1.78
C ALA B 72 13.55 15.33 1.46
N ASP B 73 13.30 16.63 1.30
CA ASP B 73 14.36 17.61 0.91
C ASP B 73 15.40 17.01 -0.06
N PRO B 74 14.97 16.67 -1.30
CA PRO B 74 15.89 16.28 -2.36
C PRO B 74 16.20 17.50 -3.24
N ASP B 75 17.46 17.69 -3.60
CA ASP B 75 17.95 19.00 -4.09
C ASP B 75 17.58 19.44 -5.53
N GLU B 76 17.00 18.52 -6.30
CA GLU B 76 16.45 18.86 -7.62
C GLU B 76 14.98 18.54 -7.72
N GLN B 77 14.31 19.27 -8.61
CA GLN B 77 12.86 19.21 -8.68
C GLN B 77 12.36 17.80 -8.96
N VAL B 78 11.29 17.44 -8.27
CA VAL B 78 10.75 16.09 -8.24
C VAL B 78 9.26 16.18 -8.37
N LEU B 79 8.69 15.39 -9.26
CA LEU B 79 7.26 15.42 -9.50
C LEU B 79 6.61 14.11 -9.14
N LEU B 80 5.60 14.16 -8.30
CA LEU B 80 4.83 12.95 -7.95
C LEU B 80 3.37 13.22 -8.08
N ALA B 81 2.59 12.14 -8.07
CA ALA B 81 1.15 12.24 -8.16
C ALA B 81 0.54 11.63 -6.92
N THR B 82 -0.70 11.98 -6.63
CA THR B 82 -1.35 11.36 -5.52
C THR B 82 -2.85 11.56 -5.50
N HIS B 83 -3.60 10.65 -4.87
CA HIS B 83 -5.01 10.88 -4.61
C HIS B 83 -5.27 11.14 -3.14
N PHE B 84 -4.22 11.08 -2.32
CA PHE B 84 -4.34 11.34 -0.88
C PHE B 84 -4.84 12.75 -0.62
N THR B 85 -5.47 12.95 0.54
CA THR B 85 -5.74 14.28 0.95
C THR B 85 -4.42 14.85 1.47
N ALA B 86 -4.19 16.13 1.21
CA ALA B 86 -2.96 16.73 1.61
C ALA B 86 -2.66 16.49 3.06
N ASP B 87 -3.71 16.20 3.87
CA ASP B 87 -3.53 16.11 5.32
C ASP B 87 -3.22 14.68 5.84
N ARG B 88 -3.01 13.72 4.93
CA ARG B 88 -2.66 12.36 5.33
C ARG B 88 -1.30 12.32 6.03
N PRO B 89 -1.20 11.64 7.17
CA PRO B 89 0.04 11.60 7.95
C PRO B 89 1.31 11.29 7.13
N VAL B 90 1.22 10.38 6.17
CA VAL B 90 2.38 10.00 5.36
C VAL B 90 2.94 11.14 4.51
N LEU B 91 2.13 12.13 4.15
CA LEU B 91 2.66 13.20 3.33
C LEU B 91 3.40 14.17 4.21
N ARG B 92 3.31 13.92 5.52
CA ARG B 92 3.88 14.80 6.53
C ARG B 92 5.37 14.93 6.35
N PHE B 93 6.02 13.91 5.79
CA PHE B 93 7.49 13.91 5.69
C PHE B 93 7.95 14.98 4.71
N TYR B 94 7.02 15.35 3.83
CA TYR B 94 7.23 16.36 2.79
C TYR B 94 6.62 17.72 3.16
N ARG B 95 6.04 17.81 4.36
CA ARG B 95 5.50 19.07 4.91
C ARG B 95 6.30 20.30 4.57
N GLU B 96 7.58 20.33 4.88
CA GLU B 96 8.37 21.53 4.60
C GLU B 96 8.83 21.61 3.16
N SER B 97 9.31 20.51 2.60
CA SER B 97 9.97 20.54 1.30
C SER B 97 9.04 20.62 0.10
N THR B 98 7.74 20.76 0.34
CA THR B 98 6.80 20.88 -0.74
C THR B 98 6.58 22.33 -1.20
N ALA B 99 6.89 22.60 -2.46
CA ALA B 99 6.76 23.93 -3.00
C ALA B 99 5.54 24.13 -3.85
N LYS B 100 5.18 23.14 -4.64
CA LYS B 100 4.20 23.38 -5.69
C LYS B 100 3.18 22.25 -5.77
N VAL B 101 1.91 22.63 -5.93
CA VAL B 101 0.85 21.67 -6.05
C VAL B 101 0.00 22.02 -7.24
N VAL B 102 -0.29 21.00 -8.04
CA VAL B 102 -1.20 21.15 -9.13
C VAL B 102 -2.37 20.31 -8.70
N CYS B 103 -3.55 20.90 -8.74
CA CYS B 103 -4.71 20.25 -8.26
C CYS B 103 -5.69 20.12 -9.39
N LEU B 104 -5.86 18.90 -9.87
CA LEU B 104 -6.66 18.63 -11.04
C LEU B 104 -8.06 18.17 -10.65
N ILE B 105 -9.06 18.82 -11.24
CA ILE B 105 -10.40 18.72 -10.72
C ILE B 105 -11.29 18.46 -11.89
N ARG B 106 -12.22 17.51 -11.71
CA ARG B 106 -13.25 17.31 -12.72
C ARG B 106 -14.68 17.12 -12.22
N ASN B 107 -15.63 17.28 -13.13
CA ASN B 107 -17.03 17.11 -12.80
C ASN B 107 -17.23 15.79 -12.03
N PRO B 108 -17.72 15.86 -10.77
CA PRO B 108 -17.86 14.60 -10.07
C PRO B 108 -18.94 13.73 -10.68
N ARG B 109 -19.71 14.30 -11.60
CA ARG B 109 -20.71 13.58 -12.37
C ARG B 109 -19.99 12.62 -13.32
N ASP B 110 -18.92 13.09 -13.95
CA ASP B 110 -18.08 12.28 -14.86
C ASP B 110 -17.17 11.26 -14.15
N ALA B 111 -16.56 11.63 -13.02
CA ALA B 111 -15.77 10.69 -12.23
C ALA B 111 -16.58 9.44 -11.89
N MET B 112 -17.82 9.65 -11.44
CA MET B 112 -18.75 8.60 -11.10
C MET B 112 -19.07 7.72 -12.30
N LEU B 113 -19.50 8.35 -13.40
CA LEU B 113 -19.74 7.61 -14.62
C LEU B 113 -18.50 6.86 -15.09
N SER B 114 -17.35 7.28 -14.60
CA SER B 114 -16.08 6.76 -15.06
C SER B 114 -15.75 5.47 -14.36
N LEU B 115 -16.02 5.44 -13.06
CA LEU B 115 -15.83 4.25 -12.27
C LEU B 115 -16.65 3.13 -12.87
N MET B 116 -17.84 3.46 -13.38
CA MET B 116 -18.70 2.44 -13.95
C MET B 116 -18.06 1.69 -15.15
N ARG B 117 -17.78 2.41 -16.24
CA ARG B 117 -17.07 1.84 -17.40
C ARG B 117 -15.92 0.92 -16.98
N MET B 118 -15.01 1.46 -16.17
CA MET B 118 -13.97 0.68 -15.48
C MET B 118 -14.54 -0.59 -14.78
N LYS B 119 -15.33 -0.43 -13.72
CA LYS B 119 -15.91 -1.58 -13.00
C LYS B 119 -16.66 -2.60 -13.90
N GLY B 120 -16.80 -2.26 -15.19
CA GLY B 120 -17.16 -3.25 -16.23
C GLY B 120 -18.53 -3.04 -16.85
N ILE B 121 -19.54 -3.02 -15.97
CA ILE B 121 -20.97 -2.74 -16.28
C ILE B 121 -21.33 -2.06 -17.62
N PRO B 122 -22.20 -2.73 -18.44
CA PRO B 122 -22.79 -2.08 -19.63
C PRO B 122 -24.00 -1.20 -19.22
N PRO B 123 -23.95 0.14 -19.52
CA PRO B 123 -24.82 1.19 -18.95
C PRO B 123 -26.30 0.82 -18.68
N GLU B 124 -26.82 -0.20 -19.36
CA GLU B 124 -28.16 -0.73 -19.05
C GLU B 124 -28.13 -1.95 -18.11
N ASP B 125 -27.43 -1.80 -16.98
CA ASP B 125 -27.52 -2.76 -15.87
C ASP B 125 -28.09 -2.03 -14.63
N VAL B 126 -29.41 -1.76 -14.68
CA VAL B 126 -30.17 -0.95 -13.68
C VAL B 126 -29.65 -1.03 -12.22
N GLU B 127 -30.06 -2.07 -11.48
CA GLU B 127 -29.69 -2.24 -10.08
C GLU B 127 -28.17 -2.20 -9.82
N ALA B 128 -27.37 -2.38 -10.87
CA ALA B 128 -25.91 -2.34 -10.74
C ALA B 128 -25.37 -0.92 -10.77
N CYS B 129 -25.85 -0.11 -11.70
CA CYS B 129 -25.49 1.31 -11.72
C CYS B 129 -26.03 1.98 -10.47
N ARG B 130 -27.36 1.98 -10.33
CA ARG B 130 -28.07 2.49 -9.16
C ARG B 130 -27.26 2.44 -7.86
N LYS B 131 -26.82 1.23 -7.49
CA LYS B 131 -26.15 0.98 -6.21
C LYS B 131 -24.90 1.83 -6.06
N ILE B 132 -24.03 1.79 -7.07
CA ILE B 132 -22.79 2.57 -7.05
C ILE B 132 -23.10 4.08 -6.92
N ALA B 133 -24.01 4.54 -7.78
CA ALA B 133 -24.56 5.90 -7.73
C ALA B 133 -25.20 6.18 -6.39
N GLU B 134 -26.00 5.26 -5.90
CA GLU B 134 -26.56 5.45 -4.57
C GLU B 134 -25.41 5.73 -3.61
N THR B 135 -24.37 4.91 -3.68
CA THR B 135 -23.24 4.97 -2.76
C THR B 135 -22.43 6.26 -2.90
N PHE B 136 -22.05 6.58 -4.12
CA PHE B 136 -21.31 7.78 -4.40
C PHE B 136 -21.96 9.03 -3.76
N ILE B 137 -23.28 9.11 -3.81
CA ILE B 137 -24.00 10.26 -3.33
C ILE B 137 -24.06 10.31 -1.83
N ALA B 138 -24.24 9.15 -1.22
CA ALA B 138 -24.21 9.05 0.24
C ALA B 138 -22.82 9.43 0.78
N ASP B 139 -21.78 9.04 0.07
CA ASP B 139 -20.39 9.28 0.51
C ASP B 139 -19.78 10.62 0.10
N GLU B 140 -20.31 11.20 -0.97
CA GLU B 140 -19.71 12.36 -1.62
C GLU B 140 -18.32 12.01 -2.14
N GLY B 141 -18.25 10.93 -2.91
CA GLY B 141 -17.00 10.45 -3.47
C GLY B 141 -16.87 8.96 -3.36
N PHE B 142 -15.63 8.46 -3.33
CA PHE B 142 -15.29 7.03 -3.41
C PHE B 142 -14.81 6.35 -2.12
N SER B 143 -15.15 6.92 -0.96
CA SER B 143 -14.91 6.27 0.33
C SER B 143 -15.28 4.78 0.40
N SER B 144 -16.42 4.38 -0.17
CA SER B 144 -16.86 2.97 -0.12
C SER B 144 -16.39 2.13 -1.28
N VAL B 145 -15.45 2.67 -2.08
CA VAL B 145 -14.93 1.95 -3.25
C VAL B 145 -13.50 1.47 -2.99
N ARG B 146 -13.38 0.15 -2.85
CA ARG B 146 -12.17 -0.55 -2.39
C ARG B 146 -10.86 -0.26 -3.17
N ILE B 147 -10.98 0.27 -4.38
CA ILE B 147 -9.80 0.42 -5.25
C ILE B 147 -8.83 1.43 -4.69
N TRP B 148 -9.37 2.47 -4.05
CA TRP B 148 -8.54 3.53 -3.45
C TRP B 148 -8.75 3.68 -1.93
N ALA B 149 -7.82 4.37 -1.28
CA ALA B 149 -7.81 4.53 0.15
C ALA B 149 -7.09 5.83 0.48
N GLY B 150 -7.50 6.52 1.54
CA GLY B 150 -6.85 7.76 1.92
C GLY B 150 -7.17 8.95 1.02
N GLU B 151 -8.12 8.78 0.11
CA GLU B 151 -8.42 9.83 -0.85
C GLU B 151 -9.51 10.75 -0.32
N GLY B 152 -10.22 10.29 0.71
CA GLY B 152 -11.29 11.07 1.31
C GLY B 152 -12.45 11.25 0.36
N SER B 153 -13.31 12.18 0.71
CA SER B 153 -14.42 12.54 -0.13
C SER B 153 -13.98 13.65 -1.05
N TRP B 154 -14.78 13.83 -2.10
CA TRP B 154 -14.55 14.85 -3.13
C TRP B 154 -14.25 16.28 -2.61
N PRO B 155 -15.15 16.88 -1.77
CA PRO B 155 -14.85 18.21 -1.21
C PRO B 155 -13.62 18.20 -0.33
N GLU B 156 -13.62 17.33 0.69
CA GLU B 156 -12.44 17.06 1.49
C GLU B 156 -11.12 17.05 0.72
N ASN B 157 -11.09 16.34 -0.41
CA ASN B 157 -9.87 16.26 -1.18
C ASN B 157 -9.46 17.63 -1.74
N ILE B 158 -10.42 18.33 -2.38
CA ILE B 158 -10.18 19.63 -2.98
C ILE B 158 -9.74 20.67 -1.94
N ARG B 159 -10.48 20.68 -0.82
CA ARG B 159 -10.30 21.60 0.26
C ARG B 159 -8.87 21.57 0.76
N SER B 160 -8.32 20.38 0.87
CA SER B 160 -7.11 20.17 1.61
C SER B 160 -5.90 20.51 0.76
N TRP B 161 -6.08 20.37 -0.55
CA TRP B 161 -5.06 20.69 -1.53
C TRP B 161 -5.15 22.11 -2.05
N THR B 162 -6.22 22.86 -1.72
CA THR B 162 -6.35 24.25 -2.23
C THR B 162 -6.49 25.27 -1.09
N ASP B 163 -7.71 25.46 -0.61
CA ASP B 163 -8.00 26.49 0.40
C ASP B 163 -7.25 26.25 1.69
N SER B 164 -7.00 24.98 2.00
CA SER B 164 -6.30 24.57 3.22
C SER B 164 -4.90 24.01 2.97
N VAL B 165 -4.35 24.25 1.78
CA VAL B 165 -3.08 23.64 1.46
C VAL B 165 -2.02 23.99 2.53
N HIS B 166 -2.09 25.19 3.09
CA HIS B 166 -1.03 25.66 3.95
C HIS B 166 -1.00 24.99 5.30
N GLU B 167 -2.07 24.28 5.62
CA GLU B 167 -2.15 23.48 6.85
C GLU B 167 -1.31 22.20 6.73
N SER B 168 -0.91 21.85 5.51
CA SER B 168 -0.14 20.65 5.26
C SER B 168 1.19 20.99 4.67
N PHE B 169 1.20 21.94 3.74
CA PHE B 169 2.45 22.30 3.02
C PHE B 169 2.66 23.77 3.09
N PRO B 170 3.26 24.21 4.18
CA PRO B 170 3.30 25.64 4.47
C PRO B 170 3.98 26.46 3.40
N ASN B 171 4.90 25.87 2.63
CA ASN B 171 5.68 26.62 1.62
C ASN B 171 5.22 26.45 0.21
N ALA B 172 4.02 25.95 0.03
CA ALA B 172 3.57 25.59 -1.29
C ALA B 172 2.77 26.68 -1.97
N ALA B 173 2.81 26.63 -3.29
CA ALA B 173 1.96 27.45 -4.11
C ALA B 173 1.00 26.50 -4.80
N VAL B 174 -0.24 26.96 -5.06
CA VAL B 174 -1.21 26.11 -5.75
C VAL B 174 -1.78 26.61 -7.10
N LEU B 175 -1.72 25.75 -8.11
CA LEU B 175 -2.41 25.99 -9.38
C LEU B 175 -3.53 24.99 -9.54
N ALA B 176 -4.76 25.44 -9.38
CA ALA B 176 -5.92 24.54 -9.59
C ALA B 176 -6.29 24.52 -11.06
N VAL B 177 -6.75 23.36 -11.55
CA VAL B 177 -6.98 23.15 -12.98
C VAL B 177 -8.09 22.13 -13.24
N ARG B 178 -9.10 22.53 -14.01
CA ARG B 178 -10.29 21.72 -14.25
C ARG B 178 -9.94 20.79 -15.34
N TYR B 179 -10.38 19.53 -15.26
CA TYR B 179 -10.15 18.57 -16.38
C TYR B 179 -10.77 19.06 -17.71
N GLU B 180 -11.93 19.72 -17.61
CA GLU B 180 -12.69 20.20 -18.77
C GLU B 180 -11.99 21.29 -19.58
N ASP B 181 -11.16 22.11 -18.90
CA ASP B 181 -10.39 23.16 -19.54
C ASP B 181 -9.22 22.54 -20.29
N LEU B 182 -8.67 21.46 -19.76
CA LEU B 182 -7.61 20.75 -20.47
C LEU B 182 -8.13 20.16 -21.73
N ARG B 183 -9.34 19.59 -21.66
CA ARG B 183 -9.96 19.01 -22.83
C ARG B 183 -10.31 20.06 -23.88
N LYS B 184 -10.65 21.27 -23.44
CA LYS B 184 -11.02 22.34 -24.37
C LYS B 184 -9.80 23.00 -25.01
N ASP B 185 -8.70 23.13 -24.27
CA ASP B 185 -7.46 23.60 -24.88
C ASP B 185 -6.24 22.91 -24.26
N PRO B 186 -5.91 21.73 -24.78
CA PRO B 186 -4.77 20.93 -24.32
C PRO B 186 -3.49 21.76 -24.16
N GLU B 187 -3.03 22.41 -25.24
CA GLU B 187 -1.71 23.09 -25.23
C GLU B 187 -1.67 24.35 -24.35
N GLY B 188 -2.72 25.16 -24.41
CA GLY B 188 -2.86 26.35 -23.56
C GLY B 188 -2.82 25.98 -22.08
N GLU B 189 -3.69 25.07 -21.69
CA GLU B 189 -3.74 24.59 -20.30
C GLU B 189 -2.50 23.82 -19.86
N LEU B 190 -1.90 23.05 -20.76
CA LEU B 190 -0.75 22.27 -20.35
C LEU B 190 0.43 23.20 -20.06
N TRP B 191 0.52 24.24 -20.88
CA TRP B 191 1.58 25.19 -20.73
C TRP B 191 1.36 26.03 -19.47
N LYS B 192 0.11 26.25 -19.09
CA LYS B 192 -0.14 26.87 -17.81
C LYS B 192 0.44 25.98 -16.70
N VAL B 193 0.35 24.67 -16.86
CA VAL B 193 0.91 23.79 -15.84
C VAL B 193 2.43 23.79 -15.93
N VAL B 194 2.95 23.53 -17.13
CA VAL B 194 4.41 23.61 -17.33
C VAL B 194 4.99 24.94 -16.81
N ASP B 195 4.32 26.04 -17.10
CA ASP B 195 4.91 27.32 -16.76
C ASP B 195 5.04 27.39 -15.26
N PHE B 196 3.98 26.97 -14.59
CA PHE B 196 3.84 27.06 -13.15
C PHE B 196 4.90 26.23 -12.46
N LEU B 197 5.29 25.12 -13.08
CA LEU B 197 6.25 24.16 -12.52
C LEU B 197 7.71 24.44 -12.89
N GLU B 198 7.89 25.20 -13.99
CA GLU B 198 9.20 25.70 -14.43
C GLU B 198 10.02 24.58 -15.00
N LEU B 199 9.39 23.89 -15.94
CA LEU B 199 9.99 22.82 -16.68
C LEU B 199 10.56 23.32 -18.01
N GLY B 200 10.55 24.63 -18.22
CA GLY B 200 11.10 25.22 -19.44
C GLY B 200 10.09 25.90 -20.36
N GLY B 201 10.25 25.58 -21.65
CA GLY B 201 9.77 26.37 -22.79
C GLY B 201 8.32 26.71 -23.08
N ARG B 202 7.61 25.84 -23.80
CA ARG B 202 6.30 26.16 -24.43
C ARG B 202 6.22 25.45 -25.77
N ASP B 203 7.35 25.42 -26.46
CA ASP B 203 7.46 24.77 -27.77
C ASP B 203 7.16 23.27 -27.62
N GLY B 204 7.82 22.65 -26.64
CA GLY B 204 7.61 21.26 -26.29
C GLY B 204 6.14 20.93 -26.07
N VAL B 205 5.39 21.90 -25.53
CA VAL B 205 4.03 21.67 -25.05
C VAL B 205 3.12 21.10 -26.13
N ALA B 206 3.42 21.41 -27.38
CA ALA B 206 2.57 21.00 -28.48
C ALA B 206 2.69 19.49 -28.67
N ASP B 207 3.92 19.05 -28.90
CA ASP B 207 4.17 17.64 -29.20
C ASP B 207 3.68 16.71 -28.08
N ALA B 208 3.89 17.15 -26.83
CA ALA B 208 3.50 16.38 -25.65
C ALA B 208 2.01 16.09 -25.61
N VAL B 209 1.21 17.03 -26.12
CA VAL B 209 -0.23 16.87 -26.19
C VAL B 209 -0.51 15.81 -27.24
N ALA B 210 0.22 15.92 -28.37
CA ALA B 210 0.10 14.99 -29.49
C ALA B 210 0.64 13.59 -29.15
N ASN B 211 1.67 13.55 -28.29
CA ASN B 211 2.25 12.30 -27.77
C ASN B 211 1.36 11.53 -26.77
N CYS B 212 0.32 12.17 -26.21
CA CYS B 212 -0.59 11.52 -25.22
C CYS B 212 -2.09 11.69 -25.51
N THR B 213 -2.46 11.53 -26.75
CA THR B 213 -3.84 11.75 -27.13
C THR B 213 -4.66 10.49 -26.82
N LEU B 214 -5.97 10.63 -26.64
CA LEU B 214 -6.85 9.48 -26.38
C LEU B 214 -6.42 8.16 -27.09
N GLU B 215 -6.01 8.28 -28.36
CA GLU B 215 -5.53 7.11 -29.13
C GLU B 215 -4.22 6.52 -28.57
N ARG B 216 -3.13 7.31 -28.55
CA ARG B 216 -1.82 6.83 -28.07
C ARG B 216 -1.92 6.24 -26.66
N MET B 217 -2.89 6.76 -25.89
CA MET B 217 -3.25 6.32 -24.52
C MET B 217 -3.74 4.85 -24.43
N ARG B 218 -4.93 4.58 -24.98
CA ARG B 218 -5.52 3.23 -25.07
C ARG B 218 -4.57 2.19 -25.72
N GLU B 219 -3.74 2.65 -26.66
CA GLU B 219 -2.66 1.83 -27.23
C GLU B 219 -1.54 1.51 -26.21
N MET B 220 -1.17 2.48 -25.35
CA MET B 220 -0.15 2.27 -24.30
C MET B 220 -0.63 1.39 -23.12
N GLU B 221 -1.94 1.42 -22.87
CA GLU B 221 -2.59 0.55 -21.87
C GLU B 221 -2.54 -0.94 -22.24
N GLU B 222 -2.68 -1.24 -23.53
CA GLU B 222 -3.00 -2.59 -24.02
C GLU B 222 -1.76 -3.40 -24.46
N ARG B 223 -0.92 -2.77 -25.27
CA ARG B 223 0.40 -3.33 -25.65
C ARG B 223 1.41 -3.37 -24.46
N SER B 224 0.88 -3.32 -23.22
CA SER B 224 1.64 -3.62 -21.99
C SER B 224 1.13 -4.93 -21.37
N LYS B 225 -0.20 -5.00 -21.18
CA LYS B 225 -0.85 -6.09 -20.44
C LYS B 225 -0.78 -7.42 -21.20
N LYS B 252 -21.80 9.95 -21.68
CA LYS B 252 -23.17 9.87 -21.18
C LYS B 252 -23.46 10.92 -20.06
N SER B 253 -24.63 10.78 -19.42
CA SER B 253 -25.07 11.64 -18.29
C SER B 253 -26.07 10.86 -17.42
N LEU B 254 -26.69 11.56 -16.46
CA LEU B 254 -27.56 10.88 -15.49
C LEU B 254 -28.96 10.56 -15.99
N LYS B 255 -29.22 10.85 -17.26
CA LYS B 255 -30.49 10.50 -17.92
C LYS B 255 -30.92 9.04 -17.64
N PHE B 256 -30.22 8.08 -18.26
CA PHE B 256 -30.50 6.66 -18.08
C PHE B 256 -30.75 6.28 -16.62
N MET B 257 -31.93 5.72 -16.34
CA MET B 257 -32.32 5.24 -15.00
C MET B 257 -32.39 6.35 -13.94
N GLY B 258 -32.35 7.60 -14.41
CA GLY B 258 -32.38 8.79 -13.55
C GLY B 258 -33.65 8.92 -12.72
N ASP B 259 -34.71 9.48 -13.32
CA ASP B 259 -35.96 9.89 -12.61
C ASP B 259 -35.75 10.21 -11.10
N ASP B 260 -35.47 9.16 -10.32
CA ASP B 260 -35.22 9.23 -8.88
C ASP B 260 -33.78 9.61 -8.52
N ILE B 261 -32.80 8.92 -9.16
CA ILE B 261 -31.36 9.14 -8.94
C ILE B 261 -30.96 10.57 -9.33
N GLU B 262 -31.19 10.91 -10.60
CA GLU B 262 -31.09 12.28 -11.08
C GLU B 262 -31.50 13.24 -9.99
N LYS B 263 -32.71 13.08 -9.46
CA LYS B 263 -33.14 13.91 -8.34
C LYS B 263 -32.11 13.81 -7.21
N ALA B 264 -31.92 12.59 -6.69
CA ALA B 264 -30.98 12.35 -5.59
C ALA B 264 -29.73 13.18 -5.74
N TYR B 265 -29.05 13.01 -6.88
CA TYR B 265 -27.83 13.75 -7.20
C TYR B 265 -28.04 15.26 -7.12
N ALA B 266 -29.07 15.76 -7.78
CA ALA B 266 -29.33 17.19 -7.88
C ALA B 266 -29.60 17.81 -6.51
N ASP B 267 -30.14 17.00 -5.59
CA ASP B 267 -30.41 17.48 -4.26
C ASP B 267 -29.08 17.71 -3.55
N LEU B 268 -28.15 16.76 -3.72
CA LEU B 268 -26.79 16.91 -3.26
C LEU B 268 -26.09 18.18 -3.83
N LEU B 269 -26.17 18.30 -5.15
CA LEU B 269 -25.53 19.36 -5.93
C LEU B 269 -26.04 20.75 -5.55
N HIS B 270 -27.22 20.80 -4.91
CA HIS B 270 -27.81 22.03 -4.40
C HIS B 270 -28.18 21.79 -2.93
N GLY B 271 -27.23 21.21 -2.23
CA GLY B 271 -27.39 20.93 -0.81
C GLY B 271 -26.68 22.02 -0.04
N GLU B 272 -26.57 21.83 1.27
CA GLU B 272 -26.00 22.84 2.15
C GLU B 272 -24.48 22.58 2.36
N THR B 273 -23.99 21.48 1.74
CA THR B 273 -22.70 20.81 2.05
C THR B 273 -21.42 21.29 1.32
N ASP B 274 -20.30 20.70 1.65
CA ASP B 274 -19.09 21.10 0.97
C ASP B 274 -19.03 20.58 -0.48
N PHE B 275 -19.88 19.59 -0.78
CA PHE B 275 -19.97 19.07 -2.11
C PHE B 275 -20.57 20.14 -3.04
N ALA B 276 -21.69 20.73 -2.64
CA ALA B 276 -22.26 21.86 -3.40
C ALA B 276 -21.29 23.06 -3.51
N HIS B 277 -20.54 23.36 -2.44
CA HIS B 277 -19.59 24.51 -2.46
C HIS B 277 -18.62 24.46 -3.66
N TYR B 278 -18.09 23.28 -3.93
CA TYR B 278 -17.02 23.17 -4.85
C TYR B 278 -17.62 22.99 -6.24
N ALA B 279 -18.81 22.36 -6.26
CA ALA B 279 -19.52 22.15 -7.55
C ALA B 279 -19.78 23.52 -8.17
N ARG B 280 -20.38 24.38 -7.37
CA ARG B 280 -20.63 25.74 -7.73
C ARG B 280 -19.36 26.42 -8.15
N LEU B 281 -18.35 26.31 -7.31
CA LEU B 281 -17.13 27.07 -7.48
C LEU B 281 -16.36 26.64 -8.73
N TYR B 282 -16.60 25.42 -9.20
CA TYR B 282 -15.86 24.96 -10.36
C TYR B 282 -16.79 24.82 -11.57
N GLY B 283 -17.99 25.34 -11.45
CA GLY B 283 -18.96 25.29 -12.54
C GLY B 283 -19.66 23.98 -12.80
N TYR B 284 -19.86 23.16 -11.76
CA TYR B 284 -20.39 21.81 -11.95
C TYR B 284 -21.83 21.65 -11.49
N ALA B 285 -22.54 22.77 -11.38
CA ALA B 285 -23.77 22.77 -10.64
C ALA B 285 -25.06 22.85 -11.50
N GHP C 1 -2.38 -6.08 8.56
CA GHP C 1 -2.55 -6.55 7.14
C GHP C 1 -2.37 -5.42 6.15
O GHP C 1 -1.49 -4.59 6.37
C1 GHP C 1 -1.61 -7.64 6.73
C2 GHP C 1 -2.10 -8.52 5.76
C3 GHP C 1 -1.31 -9.57 5.29
C4 GHP C 1 -0.01 -9.74 5.81
O4 GHP C 1 0.74 -10.78 5.33
C5 GHP C 1 0.48 -8.87 6.78
C6 GHP C 1 -0.31 -7.81 7.23
OBD 3MY C 2 -2.66 -2.52 -2.06
CZ 3MY C 2 -3.01 -2.88 -0.77
CE2 3MY C 2 -2.08 -2.67 0.25
CD2 3MY C 2 -2.38 -3.01 1.58
CL 3MY C 2 -0.46 -1.92 -0.12
CE1 3MY C 2 -4.25 -3.47 -0.42
CD1 3MY C 2 -4.54 -3.83 0.91
CG 3MY C 2 -3.60 -3.60 1.91
CB 3MY C 2 -3.83 -4.00 3.35
CA 3MY C 2 -2.58 -4.78 3.87
C 3MY C 2 -1.87 -5.66 2.86
O 3MY C 2 -0.65 -5.57 2.72
N 3MY C 2 -2.90 -5.61 5.01
N 3FG C 3 -2.61 -6.36 2.09
OD1 3FG C 3 -1.58 -10.72 4.65
CD1 3FG C 3 -2.19 -10.35 3.48
CG1 3FG C 3 -1.91 -9.10 2.92
CZ 3FG C 3 -3.09 -11.24 2.87
CD2 3FG C 3 -3.69 -10.85 1.68
OD2 3FG C 3 -4.54 -11.72 1.01
CG2 3FG C 3 -3.42 -9.61 1.11
CB 3FG C 3 -2.54 -8.70 1.73
CA 3FG C 3 -2.24 -7.38 1.13
C 3FG C 3 -2.98 -7.18 -0.18
O 3FG C 3 -4.14 -6.82 -0.22
N GHP C 4 -2.35 -7.38 -1.27
CA GHP C 4 -2.44 -7.36 -2.76
C GHP C 4 -3.41 -8.42 -3.23
O GHP C 4 -4.39 -8.74 -2.52
C1 GHP C 4 -2.85 -5.99 -3.20
C2 GHP C 4 -2.74 -4.90 -2.35
C3 GHP C 4 -3.10 -3.60 -2.76
C4 GHP C 4 -3.60 -3.39 -4.05
O4 GHP C 4 -3.97 -2.15 -4.46
C5 GHP C 4 -3.69 -4.49 -4.93
C6 GHP C 4 -3.31 -5.76 -4.49
N 0UZ C 5 -3.22 -9.27 -4.18
CA 0UZ C 5 -4.15 -9.85 -5.16
C 0UZ C 5 -3.68 -9.86 -6.63
O 0UZ C 5 -2.53 -9.56 -6.99
C1 0UZ C 5 -4.55 -11.25 -4.83
C2 0UZ C 5 -3.63 -12.29 -4.98
C3 0UZ C 5 -4.02 -13.60 -4.70
CL3 0UZ C 5 -2.75 -14.85 -4.88
C4 0UZ C 5 -5.34 -13.89 -4.28
O4 0UZ C 5 -5.76 -15.16 -3.99
C5 0UZ C 5 -6.27 -12.84 -4.15
C6 0UZ C 5 -5.88 -11.51 -4.42
N OMY C 6 -4.57 -10.22 -7.50
CA OMY C 6 -6.04 -10.16 -7.62
OCZ OMY C 6 -4.11 -4.40 -6.22
CE2 OMY C 6 -4.06 -6.15 -7.90
CE1 OMY C 6 -5.96 -6.04 -6.29
CZ OMY C 6 -4.67 -5.50 -6.82
CG OMY C 6 -5.89 -7.79 -7.97
CD2 OMY C 6 -4.67 -7.28 -8.46
CD1 OMY C 6 -6.53 -7.18 -6.87
CB OMY C 6 -6.51 -9.02 -8.56
CL OMY C 6 -6.73 -5.19 -4.88
O OMY C 6 -5.99 -12.48 -8.17
C OMY C 6 -6.71 -11.52 -7.86
ODE OMY C 6 -6.07 -9.31 -9.88
N 3FG C 7 -7.62 -11.99 -7.10
OD1 3FG C 7 -7.49 -12.35 -1.62
CD1 3FG C 7 -8.29 -12.75 -2.69
CG1 3FG C 7 -7.75 -12.83 -3.99
CZ 3FG C 7 -9.63 -13.08 -2.45
CD2 3FG C 7 -10.44 -13.49 -3.53
OD2 3FG C 7 -11.75 -13.81 -3.31
CG2 3FG C 7 -9.91 -13.56 -4.84
CB 3FG C 7 -8.55 -13.23 -5.11
CA 3FG C 7 -7.92 -13.31 -6.48
C 3FG C 7 -8.62 -14.22 -7.50
O 3FG C 7 -7.92 -14.65 -8.46
OXT 3FG C 7 -9.85 -14.50 -7.38
P1 A3P D . 0.43 -22.52 8.94
O1P A3P D . 1.72 -23.24 8.56
O2P A3P D . -0.32 -23.31 10.01
O3P A3P D . -0.42 -22.01 7.79
P2 A3P D . 1.73 -15.07 9.07
O4P A3P D . 3.01 -14.31 9.29
O5P A3P D . 0.73 -14.75 10.17
O6P A3P D . 1.18 -15.07 7.63
O5' A3P D . 2.03 -16.65 9.30
C5' A3P D . 0.96 -17.57 9.10
C4' A3P D . 1.30 -18.86 9.80
O4' A3P D . 1.26 -18.66 11.21
C3' A3P D . 0.27 -19.92 9.50
O3' A3P D . 0.92 -21.17 9.65
C2' A3P D . -0.67 -19.76 10.67
O2' A3P D . -1.55 -20.86 10.88
C1' A3P D . 0.35 -19.63 11.78
N9 A3P D . -0.33 -19.24 13.06
C8 A3P D . -1.28 -18.27 13.18
N7 A3P D . -1.70 -18.17 14.47
C5 A3P D . -1.03 -19.07 15.20
C6 A3P D . -1.01 -19.47 16.64
N6 A3P D . -1.84 -18.83 17.53
N1 A3P D . -0.16 -20.46 17.01
C2 A3P D . 0.65 -21.08 16.12
N3 A3P D . 0.69 -20.78 14.80
C4 A3P D . -0.12 -19.80 14.29
#